data_7X84
#
_entry.id   7X84
#
_cell.length_a   1.00
_cell.length_b   1.00
_cell.length_c   1.00
_cell.angle_alpha   90.00
_cell.angle_beta   90.00
_cell.angle_gamma   90.00
#
_symmetry.space_group_name_H-M   'P 1'
#
_entity_poly.entity_id   1
_entity_poly.type   'polypeptide(L)'
_entity_poly.pdbx_seq_one_letter_code
;SIDVKYIGVKSAYVSYDVQKRTIYLNITNTLNITNNNYYSVEVENITAQVQFSKTVIGKARLNNITIIGPLDMKQIDYTV
PTVIAEEMSYMYDFCTLISIKVHNIVLMMQVTVTTTYFGHSEQISQERYQYVDCG
;
_entity_poly.pdbx_strand_id   B,A,C
#
# COMPACT_ATOMS: atom_id res chain seq x y z
N SER A 1 17.70 -0.39 -3.57
CA SER A 1 16.82 -1.39 -4.15
C SER A 1 17.40 -1.95 -5.45
N ILE A 2 16.98 -3.15 -5.81
CA ILE A 2 17.45 -3.80 -7.03
C ILE A 2 16.25 -4.42 -7.74
N ASP A 3 16.12 -4.17 -9.04
CA ASP A 3 15.15 -4.84 -9.89
C ASP A 3 13.72 -4.54 -9.44
N VAL A 4 13.37 -3.26 -9.48
CA VAL A 4 12.01 -2.82 -9.17
C VAL A 4 11.34 -2.51 -10.51
N LYS A 5 10.66 -3.51 -11.07
CA LYS A 5 10.19 -3.46 -12.44
C LYS A 5 8.67 -3.51 -12.48
N TYR A 6 8.09 -2.70 -13.36
CA TYR A 6 6.66 -2.69 -13.63
C TYR A 6 6.51 -3.03 -15.10
N ILE A 7 5.97 -4.21 -15.39
CA ILE A 7 5.78 -4.66 -16.76
C ILE A 7 4.29 -4.60 -17.08
N GLY A 8 3.96 -3.99 -18.21
CA GLY A 8 2.56 -3.80 -18.54
C GLY A 8 1.84 -5.10 -18.79
N VAL A 9 2.45 -6.01 -19.53
CA VAL A 9 1.77 -7.27 -19.86
C VAL A 9 2.60 -8.49 -19.47
N LYS A 10 3.75 -8.69 -20.10
CA LYS A 10 4.43 -9.97 -20.00
C LYS A 10 5.93 -9.79 -19.84
N SER A 11 6.52 -10.69 -19.05
CA SER A 11 7.94 -10.63 -18.71
C SER A 11 8.50 -12.04 -18.75
N ALA A 12 9.74 -12.18 -19.20
CA ALA A 12 10.34 -13.50 -19.30
C ALA A 12 11.85 -13.36 -19.45
N TYR A 13 12.51 -14.52 -19.46
CA TYR A 13 13.92 -14.59 -19.84
C TYR A 13 13.97 -14.81 -21.33
N VAL A 14 13.33 -15.88 -21.81
CA VAL A 14 13.23 -16.16 -23.23
C VAL A 14 11.78 -16.47 -23.55
N SER A 15 11.32 -16.07 -24.72
CA SER A 15 9.91 -16.17 -25.08
C SER A 15 9.78 -16.53 -26.55
N TYR A 16 9.09 -17.62 -26.84
CA TYR A 16 8.88 -18.05 -28.22
C TYR A 16 7.43 -17.88 -28.63
N ASP A 17 6.71 -16.96 -27.99
CA ASP A 17 5.26 -16.97 -28.02
C ASP A 17 4.72 -16.60 -29.39
N VAL A 18 3.68 -17.34 -29.80
CA VAL A 18 3.03 -17.16 -31.08
C VAL A 18 1.54 -16.97 -30.83
N GLN A 19 0.93 -15.99 -31.50
CA GLN A 19 -0.39 -15.55 -31.05
C GLN A 19 -1.58 -16.10 -31.84
N LYS A 20 -1.73 -15.76 -33.11
CA LYS A 20 -3.04 -15.97 -33.72
C LYS A 20 -2.96 -16.08 -35.23
N ARG A 21 -3.64 -17.11 -35.76
CA ARG A 21 -3.79 -17.34 -37.20
C ARG A 21 -2.45 -17.45 -37.92
N THR A 22 -1.37 -17.68 -37.18
CA THR A 22 -0.05 -17.87 -37.77
C THR A 22 0.10 -19.31 -38.20
N ILE A 23 1.27 -19.64 -38.73
CA ILE A 23 1.58 -21.00 -39.17
C ILE A 23 3.05 -21.26 -38.87
N TYR A 24 3.33 -22.28 -38.07
CA TYR A 24 4.67 -22.85 -38.00
C TYR A 24 4.84 -23.98 -39.00
N LEU A 25 6.10 -24.25 -39.35
CA LEU A 25 6.50 -25.44 -40.10
C LEU A 25 7.99 -25.67 -39.92
N ASN A 26 8.35 -26.77 -39.27
CA ASN A 26 9.74 -27.23 -39.12
C ASN A 26 10.62 -26.15 -38.49
N ILE A 27 10.32 -25.86 -37.24
CA ILE A 27 11.11 -24.90 -36.46
C ILE A 27 12.01 -25.65 -35.50
N THR A 28 13.23 -25.13 -35.34
CA THR A 28 14.23 -25.74 -34.47
C THR A 28 14.71 -24.67 -33.49
N ASN A 29 14.96 -25.08 -32.25
CA ASN A 29 15.42 -24.18 -31.19
C ASN A 29 16.59 -24.80 -30.46
N THR A 30 17.17 -24.03 -29.54
CA THR A 30 18.29 -24.47 -28.72
C THR A 30 18.59 -23.36 -27.72
N LEU A 31 19.11 -23.73 -26.55
CA LEU A 31 19.44 -22.73 -25.53
C LEU A 31 20.44 -23.30 -24.53
N ASN A 32 21.44 -22.50 -24.19
CA ASN A 32 22.42 -22.87 -23.17
C ASN A 32 22.66 -21.65 -22.30
N ILE A 33 22.36 -21.77 -21.01
CA ILE A 33 22.43 -20.66 -20.07
C ILE A 33 23.27 -21.06 -18.88
N THR A 34 24.16 -20.16 -18.46
CA THR A 34 24.83 -20.27 -17.14
C THR A 34 24.69 -18.93 -16.41
N ASN A 35 23.54 -18.75 -15.78
CA ASN A 35 23.24 -17.57 -15.00
C ASN A 35 23.68 -17.77 -13.56
N ASN A 36 23.97 -16.66 -12.88
CA ASN A 36 24.54 -16.72 -11.54
C ASN A 36 24.49 -15.31 -10.97
N ASN A 37 24.11 -15.18 -9.71
CA ASN A 37 23.81 -13.87 -9.13
C ASN A 37 24.21 -13.86 -7.66
N TYR A 38 25.37 -13.30 -7.35
CA TYR A 38 25.88 -13.25 -5.98
C TYR A 38 25.43 -11.96 -5.31
N TYR A 39 24.15 -11.90 -4.96
CA TYR A 39 23.66 -10.77 -4.18
C TYR A 39 24.36 -10.75 -2.83
N SER A 40 24.82 -9.57 -2.41
CA SER A 40 25.47 -9.40 -1.13
C SER A 40 24.95 -8.15 -0.44
N VAL A 41 23.63 -8.01 -0.42
CA VAL A 41 22.99 -6.75 -0.10
C VAL A 41 22.97 -6.50 1.40
N GLU A 42 23.15 -5.25 1.79
CA GLU A 42 22.87 -4.77 3.13
C GLU A 42 23.58 -5.60 4.20
N VAL A 43 24.90 -5.58 4.15
CA VAL A 43 25.73 -6.32 5.09
C VAL A 43 26.38 -5.33 6.02
N GLU A 44 26.69 -5.76 7.25
CA GLU A 44 27.24 -4.89 8.27
C GLU A 44 28.43 -5.53 8.95
N ASN A 45 29.48 -4.74 9.15
CA ASN A 45 30.63 -5.11 9.97
C ASN A 45 30.86 -3.95 10.92
N ILE A 46 30.16 -3.95 12.05
CA ILE A 46 30.18 -2.85 13.00
C ILE A 46 30.75 -3.34 14.32
N THR A 47 31.60 -2.53 14.93
CA THR A 47 32.21 -2.84 16.21
C THR A 47 31.47 -2.23 17.39
N ALA A 48 31.06 -0.96 17.31
CA ALA A 48 30.36 -0.33 18.42
C ALA A 48 29.54 0.83 17.90
N GLN A 49 28.23 0.61 17.76
CA GLN A 49 27.28 1.67 17.42
C GLN A 49 26.47 2.00 18.66
N VAL A 50 26.35 3.29 18.96
CA VAL A 50 25.70 3.76 20.19
C VAL A 50 24.66 4.78 19.78
N GLN A 51 23.43 4.34 19.59
CA GLN A 51 22.33 5.30 19.50
C GLN A 51 22.09 5.90 20.88
N PHE A 52 21.36 7.00 20.92
CA PHE A 52 21.29 7.75 22.16
C PHE A 52 20.13 8.73 22.10
N SER A 53 19.82 9.29 23.25
CA SER A 53 18.76 10.27 23.49
C SER A 53 18.88 10.66 24.95
N LYS A 54 18.38 11.84 25.29
CA LYS A 54 18.50 12.29 26.67
C LYS A 54 17.64 13.53 26.88
N THR A 55 17.61 13.97 28.13
CA THR A 55 17.02 15.22 28.57
C THR A 55 17.41 15.41 30.03
N VAL A 56 17.81 16.62 30.39
CA VAL A 56 18.15 16.94 31.77
C VAL A 56 17.59 18.32 32.08
N ILE A 57 16.73 18.40 33.09
CA ILE A 57 16.06 19.64 33.47
C ILE A 57 16.33 19.87 34.94
N GLY A 58 16.92 21.03 35.27
CA GLY A 58 17.30 21.30 36.64
C GLY A 58 17.05 22.73 37.09
N LYS A 59 16.33 22.89 38.19
CA LYS A 59 15.98 24.21 38.72
C LYS A 59 15.27 25.08 37.69
N ALA A 60 14.47 24.46 36.82
CA ALA A 60 13.81 25.19 35.76
C ALA A 60 12.34 25.42 36.10
N ARG A 61 11.73 26.33 35.35
CA ARG A 61 10.29 26.58 35.42
C ARG A 61 9.78 26.76 34.00
N LEU A 62 8.89 25.87 33.58
CA LEU A 62 8.34 25.87 32.23
C LEU A 62 6.83 25.89 32.31
N ASN A 63 6.20 26.70 31.47
CA ASN A 63 4.76 26.88 31.54
C ASN A 63 4.19 27.03 30.15
N ASN A 64 3.05 26.36 29.92
CA ASN A 64 2.25 26.52 28.71
C ASN A 64 3.05 26.17 27.46
N ILE A 65 3.51 24.93 27.39
CA ILE A 65 4.26 24.42 26.24
C ILE A 65 3.34 23.52 25.42
N THR A 66 3.46 23.60 24.11
CA THR A 66 2.63 22.82 23.20
C THR A 66 3.47 22.35 22.03
N ILE A 67 3.45 21.06 21.75
CA ILE A 67 4.21 20.46 20.66
C ILE A 67 3.25 19.59 19.87
N ILE A 68 2.69 20.14 18.81
CA ILE A 68 1.82 19.36 17.96
C ILE A 68 2.65 18.42 17.11
N GLY A 69 2.01 17.37 16.60
CA GLY A 69 2.59 16.53 15.60
C GLY A 69 2.09 16.96 14.24
N PRO A 70 2.68 16.43 13.18
CA PRO A 70 2.31 16.89 11.84
C PRO A 70 0.94 16.39 11.41
N LEU A 71 0.43 17.03 10.36
CA LEU A 71 -0.77 16.64 9.63
C LEU A 71 -2.02 16.74 10.51
N ASP A 72 -2.31 17.97 10.94
CA ASP A 72 -3.52 18.27 11.68
C ASP A 72 -4.60 18.80 10.73
N MET A 73 -5.83 18.81 11.22
CA MET A 73 -6.97 19.29 10.45
C MET A 73 -7.96 19.92 11.42
N LYS A 74 -8.49 21.09 11.08
CA LYS A 74 -9.34 21.81 12.01
C LYS A 74 -10.34 22.66 11.25
N GLN A 75 -11.57 22.66 11.72
CA GLN A 75 -12.61 23.58 11.26
C GLN A 75 -12.90 23.44 9.77
N ILE A 76 -12.54 22.30 9.17
CA ILE A 76 -12.86 22.07 7.77
C ILE A 76 -14.38 21.97 7.59
N ASP A 77 -14.83 22.22 6.37
CA ASP A 77 -16.25 22.18 6.09
C ASP A 77 -16.49 21.81 4.63
N TYR A 78 -17.49 20.98 4.40
CA TYR A 78 -17.94 20.65 3.05
C TYR A 78 -19.45 20.81 3.00
N THR A 79 -19.94 21.41 1.92
CA THR A 79 -21.38 21.64 1.78
C THR A 79 -21.72 21.45 0.31
N VAL A 80 -22.31 20.30 0.00
CA VAL A 80 -22.66 19.97 -1.38
C VAL A 80 -24.17 19.74 -1.47
N PRO A 81 -24.99 20.78 -1.33
CA PRO A 81 -26.44 20.57 -1.46
C PRO A 81 -26.80 20.35 -2.92
N THR A 82 -27.62 19.34 -3.17
CA THR A 82 -28.11 19.04 -4.51
C THR A 82 -29.63 19.05 -4.47
N VAL A 83 -30.23 20.16 -4.89
CA VAL A 83 -31.68 20.35 -4.86
C VAL A 83 -32.19 20.30 -6.29
N ILE A 84 -33.32 19.62 -6.48
CA ILE A 84 -33.92 19.47 -7.80
C ILE A 84 -35.43 19.62 -7.65
N ALA A 85 -35.96 20.70 -8.20
CA ALA A 85 -37.41 20.87 -8.35
C ALA A 85 -37.79 20.58 -9.79
N GLU A 86 -39.08 20.34 -10.00
CA GLU A 86 -39.53 19.96 -11.33
C GLU A 86 -41.04 20.11 -11.40
N GLU A 87 -41.55 20.31 -12.61
CA GLU A 87 -42.97 20.48 -12.81
C GLU A 87 -43.31 20.21 -14.27
N MET A 88 -44.10 19.16 -14.51
CA MET A 88 -44.70 18.89 -15.82
C MET A 88 -43.65 18.78 -16.92
N SER A 89 -42.56 18.06 -16.64
CA SER A 89 -41.47 17.98 -17.58
C SER A 89 -40.93 16.56 -17.60
N TYR A 90 -39.76 16.40 -18.18
CA TYR A 90 -39.15 15.09 -18.36
C TYR A 90 -37.68 15.20 -17.98
N MET A 91 -37.18 14.23 -17.22
CA MET A 91 -35.78 14.21 -16.83
C MET A 91 -35.19 12.84 -17.12
N TYR A 92 -33.86 12.77 -17.09
CA TYR A 92 -33.14 11.55 -17.42
C TYR A 92 -31.69 11.68 -17.00
N ASP A 93 -31.15 10.71 -16.26
CA ASP A 93 -29.77 10.74 -15.82
C ASP A 93 -29.06 9.44 -16.15
N PHE A 94 -27.73 9.50 -16.07
CA PHE A 94 -26.88 8.36 -16.34
C PHE A 94 -25.47 8.63 -15.86
N CYS A 95 -24.92 7.76 -15.02
CA CYS A 95 -23.53 7.82 -14.59
C CYS A 95 -23.21 9.16 -13.94
N THR A 96 -24.01 9.53 -12.96
CA THR A 96 -23.79 10.76 -12.20
C THR A 96 -23.06 10.43 -10.92
N LEU A 97 -22.03 11.21 -10.60
CA LEU A 97 -21.21 10.96 -9.43
C LEU A 97 -20.96 12.25 -8.67
N ILE A 98 -20.89 12.14 -7.35
CA ILE A 98 -20.48 13.22 -6.47
C ILE A 98 -19.54 12.61 -5.45
N SER A 99 -18.27 13.01 -5.47
CA SER A 99 -17.23 12.38 -4.65
C SER A 99 -16.57 13.42 -3.78
N ILE A 100 -16.41 13.12 -2.50
CA ILE A 100 -15.73 13.99 -1.56
C ILE A 100 -14.74 13.15 -0.77
N LYS A 101 -13.45 13.45 -0.91
CA LYS A 101 -12.38 12.77 -0.19
C LYS A 101 -12.41 11.26 -0.43
N VAL A 102 -12.18 10.88 -1.67
CA VAL A 102 -12.13 9.48 -2.06
C VAL A 102 -10.66 9.12 -2.22
N HIS A 103 -10.11 8.41 -1.24
CA HIS A 103 -8.71 8.00 -1.27
C HIS A 103 -8.56 6.62 -1.89
N ASN A 104 -7.35 6.31 -2.31
CA ASN A 104 -7.03 4.96 -2.75
C ASN A 104 -5.93 4.32 -1.92
N ILE A 105 -4.78 4.96 -1.78
CA ILE A 105 -3.65 4.40 -1.07
C ILE A 105 -3.10 5.46 -0.14
N VAL A 106 -2.77 5.05 1.09
CA VAL A 106 -2.08 5.93 2.03
C VAL A 106 -1.02 5.09 2.72
N LEU A 107 0.25 5.36 2.43
CA LEU A 107 1.35 4.67 3.04
C LEU A 107 2.15 5.67 3.87
N MET A 108 2.28 5.41 5.16
CA MET A 108 2.95 6.32 6.06
C MET A 108 3.92 5.54 6.94
N MET A 109 5.14 6.04 7.07
CA MET A 109 6.09 5.45 8.00
C MET A 109 6.97 6.54 8.59
N GLN A 110 7.34 6.34 9.85
CA GLN A 110 8.14 7.30 10.61
C GLN A 110 7.52 8.69 10.61
N VAL A 111 6.19 8.73 10.71
CA VAL A 111 5.47 9.99 10.84
C VAL A 111 5.45 10.29 12.33
N THR A 112 6.50 10.93 12.81
CA THR A 112 6.67 11.12 14.25
C THR A 112 6.87 12.58 14.63
N VAL A 113 7.26 12.81 15.88
CA VAL A 113 7.76 14.09 16.33
C VAL A 113 9.27 14.07 16.50
N THR A 114 9.79 13.02 17.11
CA THR A 114 11.23 12.80 17.22
C THR A 114 11.54 11.43 16.66
N THR A 115 12.66 11.28 15.94
CA THR A 115 13.01 9.98 15.36
C THR A 115 14.49 9.69 15.10
N THR A 116 15.12 8.89 15.95
CA THR A 116 16.49 8.48 15.72
C THR A 116 16.44 7.16 14.98
N TYR A 117 17.07 7.10 13.82
CA TYR A 117 16.95 5.95 12.94
C TYR A 117 18.31 5.53 12.44
N PHE A 118 18.54 4.23 12.42
CA PHE A 118 19.77 3.65 11.87
C PHE A 118 19.38 2.44 11.05
N GLY A 119 19.65 2.48 9.75
CA GLY A 119 19.44 1.31 8.93
C GLY A 119 18.92 1.59 7.54
N HIS A 120 17.81 0.95 7.19
CA HIS A 120 17.26 0.99 5.86
C HIS A 120 15.80 1.41 5.93
N SER A 121 15.27 1.88 4.81
CA SER A 121 13.87 2.28 4.74
C SER A 121 13.42 2.31 3.29
N GLU A 122 12.30 1.65 3.01
CA GLU A 122 11.80 1.54 1.65
C GLU A 122 10.32 1.85 1.62
N GLN A 123 9.84 2.24 0.44
CA GLN A 123 8.43 2.47 0.20
C GLN A 123 8.20 2.29 -1.29
N ILE A 124 7.56 1.20 -1.67
CA ILE A 124 7.35 0.85 -3.06
C ILE A 124 5.86 0.79 -3.32
N SER A 125 5.45 1.25 -4.50
CA SER A 125 4.04 1.29 -4.84
C SER A 125 3.90 1.09 -6.34
N GLN A 126 3.25 0.01 -6.73
CA GLN A 126 3.03 -0.29 -8.15
C GLN A 126 1.55 -0.57 -8.34
N GLU A 127 0.94 0.05 -9.34
CA GLU A 127 -0.50 -0.11 -9.51
C GLU A 127 -0.92 0.26 -10.92
N ARG A 128 -2.16 -0.12 -11.23
CA ARG A 128 -2.86 0.32 -12.43
C ARG A 128 -4.19 0.87 -11.99
N TYR A 129 -4.44 2.14 -12.26
CA TYR A 129 -5.55 2.89 -11.68
C TYR A 129 -6.53 3.30 -12.77
N GLN A 130 -7.81 3.35 -12.41
CA GLN A 130 -8.85 3.80 -13.31
C GLN A 130 -10.07 4.17 -12.49
N TYR A 131 -10.46 5.45 -12.53
CA TYR A 131 -11.48 5.92 -11.60
C TYR A 131 -12.89 5.63 -12.09
N VAL A 132 -13.29 6.21 -13.22
CA VAL A 132 -14.65 6.08 -13.71
C VAL A 132 -14.62 5.50 -15.11
N ASP A 133 -15.55 4.59 -15.39
CA ASP A 133 -15.73 4.02 -16.72
C ASP A 133 -17.22 3.88 -16.96
N CYS A 134 -17.73 4.61 -17.94
CA CYS A 134 -19.16 4.54 -18.25
C CYS A 134 -19.35 4.40 -19.76
N GLY A 135 -20.58 4.50 -20.21
CA GLY A 135 -20.87 4.36 -21.63
C GLY A 135 -22.35 4.29 -21.96
N SER B 1 15.53 -3.84 -0.96
CA SER B 1 14.64 -4.84 -1.53
C SER B 1 15.21 -5.39 -2.84
N ILE B 2 14.77 -6.59 -3.20
CA ILE B 2 15.24 -7.24 -4.42
C ILE B 2 14.03 -7.86 -5.13
N ASP B 3 13.91 -7.59 -6.42
CA ASP B 3 12.92 -8.25 -7.28
C ASP B 3 11.50 -7.95 -6.82
N VAL B 4 11.15 -6.67 -6.86
CA VAL B 4 9.79 -6.22 -6.54
C VAL B 4 9.12 -5.91 -7.86
N LYS B 5 8.44 -6.90 -8.42
CA LYS B 5 7.95 -6.84 -9.79
C LYS B 5 6.43 -6.89 -9.82
N TYR B 6 5.85 -6.08 -10.70
CA TYR B 6 4.41 -6.06 -10.97
C TYR B 6 4.25 -6.41 -12.44
N ILE B 7 3.71 -7.58 -12.72
CA ILE B 7 3.51 -8.02 -14.09
C ILE B 7 2.02 -7.96 -14.40
N GLY B 8 1.69 -7.34 -15.52
CA GLY B 8 0.29 -7.15 -15.86
C GLY B 8 -0.45 -8.44 -16.10
N VAL B 9 0.17 -9.36 -16.85
CA VAL B 9 -0.53 -10.60 -17.17
C VAL B 9 0.31 -11.83 -16.79
N LYS B 10 1.45 -12.04 -17.43
CA LYS B 10 2.13 -13.32 -17.34
C LYS B 10 3.63 -13.15 -17.19
N SER B 11 4.22 -14.05 -16.42
CA SER B 11 5.64 -13.99 -16.08
C SER B 11 6.19 -15.41 -16.11
N ALA B 12 7.43 -15.56 -16.58
CA ALA B 12 8.02 -16.87 -16.69
C ALA B 12 9.53 -16.74 -16.84
N TYR B 13 10.20 -17.89 -16.85
CA TYR B 13 11.59 -17.97 -17.24
C TYR B 13 11.64 -18.19 -18.74
N VAL B 14 11.00 -19.25 -19.22
CA VAL B 14 10.88 -19.54 -20.64
C VAL B 14 9.43 -19.84 -20.95
N SER B 15 8.97 -19.43 -22.12
CA SER B 15 7.56 -19.53 -22.47
C SER B 15 7.42 -19.87 -23.94
N TYR B 16 6.72 -20.97 -24.23
CA TYR B 16 6.51 -21.40 -25.61
C TYR B 16 5.04 -21.22 -26.01
N ASP B 17 4.34 -20.30 -25.36
CA ASP B 17 2.89 -20.29 -25.38
C ASP B 17 2.34 -19.93 -26.75
N VAL B 18 1.30 -20.65 -27.15
CA VAL B 18 0.63 -20.47 -28.44
C VAL B 18 -0.85 -20.28 -28.17
N GLN B 19 -1.47 -19.28 -28.84
CA GLN B 19 -2.78 -18.84 -28.38
C GLN B 19 -3.97 -19.38 -29.16
N LYS B 20 -4.12 -19.05 -30.44
CA LYS B 20 -5.43 -19.25 -31.04
C LYS B 20 -5.37 -19.36 -32.56
N ARG B 21 -6.06 -20.37 -33.08
CA ARG B 21 -6.21 -20.61 -34.52
C ARG B 21 -4.88 -20.73 -35.24
N THR B 22 -3.79 -20.95 -34.51
CA THR B 22 -2.48 -21.15 -35.11
C THR B 22 -2.34 -22.59 -35.55
N ILE B 23 -1.16 -22.93 -36.09
CA ILE B 23 -0.86 -24.28 -36.53
C ILE B 23 0.60 -24.55 -36.24
N TYR B 24 0.88 -25.58 -35.44
CA TYR B 24 2.21 -26.14 -35.38
C TYR B 24 2.37 -27.28 -36.39
N LEU B 25 3.63 -27.55 -36.75
CA LEU B 25 4.02 -28.74 -37.49
C LEU B 25 5.52 -28.97 -37.32
N ASN B 26 5.88 -30.09 -36.67
CA ASN B 26 7.26 -30.54 -36.54
C ASN B 26 8.16 -29.47 -35.91
N ILE B 27 7.86 -29.18 -34.65
CA ILE B 27 8.65 -28.22 -33.88
C ILE B 27 9.56 -28.98 -32.92
N THR B 28 10.78 -28.47 -32.77
CA THR B 28 11.78 -29.09 -31.90
C THR B 28 12.28 -28.03 -30.93
N ASN B 29 12.53 -28.44 -29.69
CA ASN B 29 12.99 -27.54 -28.64
C ASN B 29 14.16 -28.17 -27.90
N THR B 30 14.76 -27.40 -26.99
CA THR B 30 15.88 -27.85 -26.17
C THR B 30 16.19 -26.75 -25.17
N LEU B 31 16.71 -27.12 -24.00
CA LEU B 31 17.07 -26.12 -23.00
C LEU B 31 18.05 -26.71 -22.00
N ASN B 32 19.06 -25.91 -21.66
CA ASN B 32 20.06 -26.28 -20.65
C ASN B 32 20.29 -25.07 -19.77
N ILE B 33 19.99 -25.18 -18.48
CA ILE B 33 20.08 -24.08 -17.54
C ILE B 33 20.93 -24.49 -16.35
N THR B 34 21.83 -23.60 -15.93
CA THR B 34 22.50 -23.70 -14.63
C THR B 34 22.37 -22.37 -13.89
N ASN B 35 21.22 -22.19 -13.24
CA ASN B 35 20.94 -21.00 -12.46
C ASN B 35 21.38 -21.21 -11.02
N ASN B 36 21.68 -20.11 -10.35
CA ASN B 36 22.26 -20.18 -9.01
C ASN B 36 22.21 -18.78 -8.43
N ASN B 37 21.83 -18.64 -7.16
CA ASN B 37 21.55 -17.34 -6.58
C ASN B 37 21.94 -17.33 -5.12
N TYR B 38 23.12 -16.76 -4.81
CA TYR B 38 23.63 -16.73 -3.44
C TYR B 38 23.19 -15.44 -2.77
N TYR B 39 21.92 -15.38 -2.41
CA TYR B 39 21.45 -14.24 -1.63
C TYR B 39 22.14 -14.22 -0.28
N SER B 40 22.60 -13.06 0.13
CA SER B 40 23.27 -12.90 1.43
C SER B 40 22.75 -11.64 2.11
N VAL B 41 21.44 -11.50 2.14
CA VAL B 41 20.80 -10.23 2.47
C VAL B 41 20.79 -10.00 3.97
N GLU B 42 20.98 -8.74 4.36
CA GLU B 42 20.72 -8.26 5.71
C GLU B 42 21.42 -9.10 6.77
N VAL B 43 22.74 -9.09 6.71
CA VAL B 43 23.57 -9.84 7.65
C VAL B 43 24.24 -8.84 8.58
N GLU B 44 24.55 -9.28 9.79
CA GLU B 44 25.10 -8.40 10.82
C GLU B 44 26.30 -9.05 11.50
N ASN B 45 27.35 -8.27 11.70
CA ASN B 45 28.50 -8.65 12.50
C ASN B 45 28.74 -7.49 13.45
N ILE B 46 28.05 -7.50 14.59
CA ILE B 46 28.07 -6.40 15.54
C ILE B 46 28.66 -6.90 16.85
N THR B 47 29.52 -6.09 17.46
CA THR B 47 30.13 -6.41 18.73
C THR B 47 29.39 -5.80 19.93
N ALA B 48 28.99 -4.52 19.84
CA ALA B 48 28.31 -3.90 20.98
C ALA B 48 27.47 -2.73 20.45
N GLN B 49 26.17 -2.95 20.32
CA GLN B 49 25.23 -1.88 19.99
C GLN B 49 24.42 -1.55 21.23
N VAL B 50 24.31 -0.26 21.55
CA VAL B 50 23.67 0.20 22.77
C VAL B 50 22.62 1.24 22.37
N GLN B 51 21.39 0.80 22.18
CA GLN B 51 20.30 1.77 22.11
C GLN B 51 20.06 2.36 23.49
N PHE B 52 19.35 3.47 23.53
CA PHE B 52 19.28 4.21 24.78
C PHE B 52 18.13 5.20 24.73
N SER B 53 17.82 5.77 25.89
CA SER B 53 16.78 6.74 26.13
C SER B 53 16.90 7.13 27.59
N LYS B 54 16.41 8.30 27.93
CA LYS B 54 16.53 8.75 29.32
C LYS B 54 15.69 9.99 29.53
N THR B 55 15.66 10.43 30.79
CA THR B 55 15.07 11.69 31.23
C THR B 55 15.48 11.86 32.69
N VAL B 56 15.88 13.08 33.05
CA VAL B 56 16.24 13.39 34.43
C VAL B 56 15.68 14.77 34.75
N ILE B 57 14.82 14.85 35.76
CA ILE B 57 14.16 16.09 36.15
C ILE B 57 14.45 16.32 37.62
N GLY B 58 15.03 17.47 37.94
CA GLY B 58 15.43 17.74 39.32
C GLY B 58 15.19 19.17 39.77
N LYS B 59 14.47 19.33 40.88
CA LYS B 59 14.13 20.65 41.41
C LYS B 59 13.42 21.53 40.39
N ALA B 60 12.62 20.91 39.53
CA ALA B 60 11.95 21.65 38.47
C ALA B 60 10.49 21.88 38.81
N ARG B 61 9.87 22.79 38.06
CA ARG B 61 8.44 23.05 38.14
C ARG B 61 7.92 23.24 36.74
N LEU B 62 7.02 22.36 36.32
CA LEU B 62 6.47 22.36 34.97
C LEU B 62 4.95 22.39 35.05
N ASN B 63 4.33 23.20 34.22
CA ASN B 63 2.89 23.39 34.30
C ASN B 63 2.30 23.54 32.91
N ASN B 64 1.16 22.88 32.69
CA ASN B 64 0.36 23.03 31.48
C ASN B 64 1.15 22.70 30.22
N ILE B 65 1.60 21.45 30.15
CA ILE B 65 2.34 20.94 29.00
C ILE B 65 1.43 20.04 28.18
N THR B 66 1.53 20.13 26.86
CA THR B 66 0.70 19.35 25.96
C THR B 66 1.53 18.89 24.78
N ILE B 67 1.49 17.59 24.50
CA ILE B 67 2.26 17.00 23.41
C ILE B 67 1.28 16.13 22.62
N ILE B 68 0.71 16.69 21.56
CA ILE B 68 -0.17 15.91 20.72
C ILE B 68 0.66 14.97 19.86
N GLY B 69 0.02 13.93 19.36
CA GLY B 69 0.59 13.09 18.33
C GLY B 69 0.08 13.54 16.99
N PRO B 70 0.66 13.00 15.92
CA PRO B 70 0.29 13.47 14.58
C PRO B 70 -1.08 12.97 14.16
N LEU B 71 -1.59 13.61 13.11
CA LEU B 71 -2.81 13.22 12.40
C LEU B 71 -4.06 13.33 13.28
N ASP B 72 -4.33 14.55 13.71
CA ASP B 72 -5.54 14.87 14.46
C ASP B 72 -6.62 15.40 13.52
N MET B 73 -7.84 15.42 14.01
CA MET B 73 -9.00 15.91 13.24
C MET B 73 -9.97 16.53 14.22
N LYS B 74 -10.49 17.70 13.89
CA LYS B 74 -11.34 18.43 14.82
C LYS B 74 -12.34 19.29 14.07
N GLN B 75 -13.57 19.29 14.55
CA GLN B 75 -14.61 20.21 14.10
C GLN B 75 -14.90 20.08 12.61
N ILE B 76 -14.56 18.94 12.00
CA ILE B 76 -14.89 18.71 10.60
C ILE B 76 -16.40 18.63 10.43
N ASP B 77 -16.86 18.88 9.21
CA ASP B 77 -18.28 18.85 8.94
C ASP B 77 -18.53 18.48 7.49
N TYR B 78 -19.54 17.65 7.26
CA TYR B 78 -19.99 17.33 5.92
C TYR B 78 -21.50 17.50 5.87
N THR B 79 -21.99 18.11 4.80
CA THR B 79 -23.43 18.34 4.65
C THR B 79 -23.78 18.15 3.19
N VAL B 80 -24.38 17.01 2.88
CA VAL B 80 -24.74 16.68 1.50
C VAL B 80 -26.25 16.47 1.42
N PRO B 81 -27.06 17.50 1.57
CA PRO B 81 -28.52 17.30 1.44
C PRO B 81 -28.89 17.09 -0.01
N THR B 82 -29.71 16.08 -0.26
CA THR B 82 -30.21 15.78 -1.60
C THR B 82 -31.74 15.80 -1.55
N VAL B 83 -32.32 16.91 -1.97
CA VAL B 83 -33.77 17.11 -1.93
C VAL B 83 -34.29 17.07 -3.35
N ILE B 84 -35.43 16.39 -3.54
CA ILE B 84 -36.03 16.25 -4.86
C ILE B 84 -37.54 16.40 -4.71
N ALA B 85 -38.08 17.49 -5.24
CA ALA B 85 -39.51 17.66 -5.39
C ALA B 85 -39.91 17.38 -6.82
N GLU B 86 -41.20 17.15 -7.03
CA GLU B 86 -41.66 16.77 -8.36
C GLU B 86 -43.17 16.93 -8.42
N GLU B 87 -43.68 17.14 -9.63
CA GLU B 87 -45.11 17.31 -9.82
C GLU B 87 -45.45 17.04 -11.27
N MET B 88 -46.24 16.00 -11.52
CA MET B 88 -46.85 15.74 -12.82
C MET B 88 -45.81 15.63 -13.92
N SER B 89 -44.74 14.91 -13.66
CA SER B 89 -43.64 14.82 -14.60
C SER B 89 -43.12 13.39 -14.62
N TYR B 90 -41.93 13.22 -15.21
CA TYR B 90 -41.33 11.92 -15.41
C TYR B 90 -39.86 12.02 -15.03
N MET B 91 -39.36 11.05 -14.28
CA MET B 91 -37.97 11.02 -13.89
C MET B 91 -37.38 9.65 -14.19
N TYR B 92 -36.05 9.58 -14.17
CA TYR B 92 -35.34 8.35 -14.51
C TYR B 92 -33.87 8.47 -14.09
N ASP B 93 -33.35 7.50 -13.36
CA ASP B 93 -31.97 7.53 -12.92
C ASP B 93 -31.26 6.23 -13.26
N PHE B 94 -29.93 6.28 -13.20
CA PHE B 94 -29.09 5.13 -13.47
C PHE B 94 -27.67 5.40 -13.00
N CYS B 95 -27.13 4.51 -12.16
CA CYS B 95 -25.73 4.58 -11.75
C CYS B 95 -25.40 5.91 -11.09
N THR B 96 -26.19 6.29 -10.09
CA THR B 96 -25.96 7.50 -9.34
C THR B 96 -25.23 7.18 -8.05
N LEU B 97 -24.19 7.95 -7.74
CA LEU B 97 -23.37 7.69 -6.57
C LEU B 97 -23.11 8.97 -5.82
N ILE B 98 -23.03 8.86 -4.49
CA ILE B 98 -22.61 9.94 -3.61
C ILE B 98 -21.67 9.32 -2.60
N SER B 99 -20.40 9.72 -2.62
CA SER B 99 -19.37 9.09 -1.82
C SER B 99 -18.69 10.13 -0.94
N ILE B 100 -18.53 9.81 0.34
CA ILE B 100 -17.83 10.68 1.27
C ILE B 100 -16.85 9.83 2.05
N LYS B 101 -15.56 10.12 1.91
CA LYS B 101 -14.49 9.43 2.62
C LYS B 101 -14.52 7.93 2.37
N VAL B 102 -14.29 7.55 1.12
CA VAL B 102 -14.25 6.15 0.73
C VAL B 102 -12.78 5.78 0.57
N HIS B 103 -12.23 5.07 1.55
CA HIS B 103 -10.84 4.65 1.51
C HIS B 103 -10.70 3.29 0.88
N ASN B 104 -9.48 2.97 0.46
CA ASN B 104 -9.18 1.62 0.01
C ASN B 104 -8.09 0.96 0.83
N ILE B 105 -6.93 1.61 0.97
CA ILE B 105 -5.79 1.03 1.67
C ILE B 105 -5.24 2.08 2.61
N VAL B 106 -4.89 1.68 3.82
CA VAL B 106 -4.20 2.54 4.76
C VAL B 106 -3.14 1.69 5.44
N LEU B 107 -1.88 1.97 5.16
CA LEU B 107 -0.76 1.26 5.76
C LEU B 107 0.04 2.26 6.58
N MET B 108 0.17 2.00 7.87
CA MET B 108 0.86 2.91 8.77
C MET B 108 1.82 2.13 9.65
N MET B 109 3.04 2.61 9.77
CA MET B 109 4.00 2.02 10.69
C MET B 109 4.89 3.10 11.27
N GLN B 110 5.26 2.90 12.54
CA GLN B 110 6.08 3.85 13.29
C GLN B 110 5.45 5.24 13.30
N VAL B 111 4.14 5.29 13.40
CA VAL B 111 3.41 6.55 13.54
C VAL B 111 3.40 6.85 15.04
N THR B 112 4.46 7.49 15.52
CA THR B 112 4.64 7.66 16.95
C THR B 112 4.84 9.12 17.34
N VAL B 113 5.24 9.34 18.58
CA VAL B 113 5.75 10.62 19.04
C VAL B 113 7.26 10.59 19.20
N THR B 114 7.79 9.55 19.81
CA THR B 114 9.22 9.32 19.90
C THR B 114 9.53 7.94 19.34
N THR B 115 10.64 7.79 18.61
CA THR B 115 10.98 6.49 18.03
C THR B 115 12.45 6.20 17.75
N THR B 116 13.08 5.40 18.61
CA THR B 116 14.46 4.98 18.37
C THR B 116 14.39 3.65 17.62
N TYR B 117 15.01 3.61 16.46
CA TYR B 117 14.88 2.47 15.58
C TYR B 117 16.24 2.04 15.07
N PHE B 118 16.47 0.73 15.04
CA PHE B 118 17.69 0.15 14.49
C PHE B 118 17.30 -1.07 13.67
N GLY B 119 17.56 -1.02 12.36
CA GLY B 119 17.33 -2.19 11.54
C GLY B 119 16.80 -1.90 10.16
N HIS B 120 15.70 -2.53 9.81
CA HIS B 120 15.14 -2.48 8.48
C HIS B 120 13.69 -2.05 8.56
N SER B 121 13.15 -1.59 7.44
CA SER B 121 11.75 -1.17 7.38
C SER B 121 11.29 -1.15 5.94
N GLU B 122 10.16 -1.79 5.66
CA GLU B 122 9.66 -1.91 4.31
C GLU B 122 8.17 -1.59 4.28
N GLN B 123 7.70 -1.18 3.10
CA GLN B 123 6.28 -0.96 2.87
C GLN B 123 6.05 -1.13 1.38
N ILE B 124 5.39 -2.22 1.00
CA ILE B 124 5.19 -2.56 -0.40
C ILE B 124 3.69 -2.61 -0.65
N SER B 125 3.27 -2.13 -1.81
CA SER B 125 1.85 -2.10 -2.15
C SER B 125 1.71 -2.29 -3.65
N GLN B 126 1.06 -3.37 -4.05
CA GLN B 126 0.83 -3.67 -5.45
C GLN B 126 -0.65 -3.94 -5.64
N GLU B 127 -1.26 -3.32 -6.65
CA GLU B 127 -2.70 -3.47 -6.79
C GLU B 127 -3.13 -3.09 -8.20
N ARG B 128 -4.37 -3.46 -8.52
CA ARG B 128 -5.07 -3.01 -9.71
C ARG B 128 -6.41 -2.46 -9.26
N TYR B 129 -6.65 -1.18 -9.52
CA TYR B 129 -7.76 -0.44 -8.94
C TYR B 129 -8.74 -0.02 -10.02
N GLN B 130 -10.02 0.03 -9.65
CA GLN B 130 -11.07 0.48 -10.55
C GLN B 130 -12.27 0.88 -9.71
N TYR B 131 -12.65 2.14 -9.75
CA TYR B 131 -13.66 2.62 -8.81
C TYR B 131 -15.09 2.33 -9.30
N VAL B 132 -15.48 2.92 -10.42
CA VAL B 132 -16.85 2.79 -10.92
C VAL B 132 -16.83 2.21 -12.32
N ASP B 133 -17.77 1.31 -12.59
CA ASP B 133 -17.95 0.75 -13.91
C ASP B 133 -19.44 0.61 -14.16
N CYS B 134 -19.97 1.36 -15.12
CA CYS B 134 -21.39 1.29 -15.43
C CYS B 134 -21.59 1.15 -16.94
N GLY B 135 -22.84 1.25 -17.39
CA GLY B 135 -23.12 1.13 -18.80
C GLY B 135 -24.61 1.07 -19.12
N SER C 1 13.34 -7.30 1.66
CA SER C 1 12.44 -8.30 1.08
C SER C 1 12.99 -8.84 -0.23
N ILE C 2 12.56 -10.05 -0.59
CA ILE C 2 13.01 -10.69 -1.82
C ILE C 2 11.81 -11.31 -2.52
N ASP C 3 11.68 -11.04 -3.81
CA ASP C 3 10.68 -11.69 -4.67
C ASP C 3 9.26 -11.38 -4.19
N VAL C 4 8.91 -10.10 -4.23
CA VAL C 4 7.56 -9.65 -3.90
C VAL C 4 6.88 -9.32 -5.23
N LYS C 5 6.20 -10.31 -5.78
CA LYS C 5 5.69 -10.25 -7.14
C LYS C 5 4.18 -10.29 -7.17
N TYR C 6 3.60 -9.48 -8.04
CA TYR C 6 2.16 -9.45 -8.30
C TYR C 6 2.00 -9.79 -9.77
N ILE C 7 1.44 -10.95 -10.06
CA ILE C 7 1.23 -11.39 -11.42
C ILE C 7 -0.26 -11.32 -11.72
N GLY C 8 -0.59 -10.70 -12.85
CA GLY C 8 -1.99 -10.50 -13.17
C GLY C 8 -2.74 -11.80 -13.41
N VAL C 9 -2.14 -12.70 -14.17
CA VAL C 9 -2.82 -13.95 -14.49
C VAL C 9 -2.01 -15.19 -14.11
N LYS C 10 -0.87 -15.39 -14.77
CA LYS C 10 -0.19 -16.68 -14.68
C LYS C 10 1.31 -16.51 -14.55
N SER C 11 1.90 -17.42 -13.76
CA SER C 11 3.32 -17.38 -13.44
C SER C 11 3.87 -18.79 -13.49
N ALA C 12 5.10 -18.94 -13.96
CA ALA C 12 5.69 -20.27 -14.07
C ALA C 12 7.19 -20.14 -14.23
N TYR C 13 7.85 -21.29 -14.25
CA TYR C 13 9.25 -21.37 -14.65
C TYR C 13 9.29 -21.59 -16.15
N VAL C 14 8.64 -22.65 -16.62
CA VAL C 14 8.52 -22.93 -18.05
C VAL C 14 7.06 -23.23 -18.34
N SER C 15 6.60 -22.81 -19.52
CA SER C 15 5.18 -22.89 -19.86
C SER C 15 5.03 -23.24 -21.32
N TYR C 16 4.33 -24.32 -21.62
CA TYR C 16 4.10 -24.76 -23.00
C TYR C 16 2.65 -24.56 -23.39
N ASP C 17 1.95 -23.63 -22.73
CA ASP C 17 0.50 -23.63 -22.75
C ASP C 17 -0.07 -23.26 -24.12
N VAL C 18 -1.11 -23.98 -24.52
CA VAL C 18 -1.78 -23.79 -25.80
C VAL C 18 -3.26 -23.58 -25.52
N GLN C 19 -3.87 -22.59 -26.19
CA GLN C 19 -5.18 -22.15 -25.71
C GLN C 19 -6.38 -22.69 -26.49
N LYS C 20 -6.54 -22.34 -27.77
CA LYS C 20 -7.86 -22.52 -28.36
C LYS C 20 -7.80 -22.64 -29.87
N ARG C 21 -8.49 -23.64 -30.40
CA ARG C 21 -8.65 -23.88 -31.83
C ARG C 21 -7.33 -23.99 -32.57
N THR C 22 -6.24 -24.23 -31.84
CA THR C 22 -4.94 -24.43 -32.44
C THR C 22 -4.80 -25.87 -32.90
N ILE C 23 -3.63 -26.21 -33.43
CA ILE C 23 -3.34 -27.57 -33.89
C ILE C 23 -1.87 -27.85 -33.60
N TYR C 24 -1.59 -28.87 -32.81
CA TYR C 24 -0.26 -29.45 -32.76
C TYR C 24 -0.12 -30.58 -33.77
N LEU C 25 1.14 -30.85 -34.14
CA LEU C 25 1.52 -32.05 -34.89
C LEU C 25 3.02 -32.29 -34.73
N ASN C 26 3.37 -33.40 -34.08
CA ASN C 26 4.76 -33.86 -33.95
C ASN C 26 5.66 -32.80 -33.32
N ILE C 27 5.38 -32.51 -32.07
CA ILE C 27 6.18 -31.57 -31.30
C ILE C 27 7.09 -32.33 -30.35
N THR C 28 8.31 -31.83 -30.20
CA THR C 28 9.31 -32.45 -29.35
C THR C 28 9.81 -31.40 -28.37
N ASN C 29 10.08 -31.81 -27.13
CA ASN C 29 10.54 -30.91 -26.08
C ASN C 29 11.72 -31.56 -25.35
N THR C 30 12.32 -30.79 -24.45
CA THR C 30 13.45 -31.23 -23.63
C THR C 30 13.77 -30.14 -22.63
N LEU C 31 14.30 -30.52 -21.47
CA LEU C 31 14.65 -29.54 -20.46
C LEU C 31 15.65 -30.12 -19.47
N ASN C 32 16.66 -29.34 -19.12
CA ASN C 32 17.65 -29.71 -18.12
C ASN C 32 17.91 -28.50 -17.25
N ILE C 33 17.61 -28.63 -15.95
CA ILE C 33 17.71 -27.52 -15.01
C ILE C 33 18.57 -27.94 -13.83
N THR C 34 19.47 -27.04 -13.40
CA THR C 34 20.14 -27.17 -12.11
C THR C 34 20.03 -25.83 -11.36
N ASN C 35 18.89 -25.65 -10.71
CA ASN C 35 18.61 -24.46 -9.92
C ASN C 35 19.05 -24.67 -8.49
N ASN C 36 19.37 -23.58 -7.81
CA ASN C 36 19.95 -23.65 -6.48
C ASN C 36 19.91 -22.25 -5.90
N ASN C 37 19.54 -22.12 -4.63
CA ASN C 37 19.27 -20.81 -4.04
C ASN C 37 19.68 -20.82 -2.58
N TYR C 38 20.85 -20.25 -2.28
CA TYR C 38 21.37 -20.23 -0.91
C TYR C 38 20.94 -18.94 -0.24
N TYR C 39 19.66 -18.87 0.14
CA TYR C 39 19.21 -17.73 0.92
C TYR C 39 19.91 -17.72 2.27
N SER C 40 20.38 -16.56 2.69
CA SER C 40 21.06 -16.41 3.97
C SER C 40 20.55 -15.15 4.66
N VAL C 41 19.23 -15.00 4.70
CA VAL C 41 18.61 -13.73 5.03
C VAL C 41 18.61 -13.50 6.53
N GLU C 42 18.79 -12.25 6.92
CA GLU C 42 18.54 -11.77 8.28
C GLU C 42 19.25 -12.62 9.33
N VAL C 43 20.58 -12.61 9.27
CA VAL C 43 21.40 -13.35 10.20
C VAL C 43 22.08 -12.38 11.13
N GLU C 44 22.40 -12.83 12.34
CA GLU C 44 22.96 -11.95 13.37
C GLU C 44 24.15 -12.61 14.04
N ASN C 45 25.21 -11.83 14.23
CA ASN C 45 26.37 -12.21 15.02
C ASN C 45 26.61 -11.06 15.99
N ILE C 46 25.93 -11.07 17.12
CA ILE C 46 25.97 -9.98 18.08
C ILE C 46 26.56 -10.47 19.39
N THR C 47 27.42 -9.67 19.98
CA THR C 47 28.03 -9.99 21.27
C THR C 47 27.31 -9.38 22.46
N ALA C 48 26.91 -8.11 22.38
CA ALA C 48 26.23 -7.49 23.52
C ALA C 48 25.41 -6.31 23.00
N GLN C 49 24.10 -6.52 22.87
CA GLN C 49 23.16 -5.45 22.55
C GLN C 49 22.36 -5.12 23.80
N VAL C 50 22.26 -3.83 24.12
CA VAL C 50 21.63 -3.37 25.36
C VAL C 50 20.59 -2.33 24.96
N GLN C 51 19.35 -2.75 24.77
CA GLN C 51 18.26 -1.79 24.71
C GLN C 51 18.04 -1.19 26.09
N PHE C 52 17.33 -0.08 26.14
CA PHE C 52 17.27 0.65 27.39
C PHE C 52 16.12 1.64 27.35
N SER C 53 15.82 2.20 28.52
CA SER C 53 14.78 3.19 28.77
C SER C 53 14.91 3.57 30.22
N LYS C 54 14.43 4.75 30.57
CA LYS C 54 14.56 5.19 31.95
C LYS C 54 13.72 6.44 32.18
N THR C 55 13.71 6.88 33.44
CA THR C 55 13.14 8.13 33.89
C THR C 55 13.54 8.30 35.35
N VAL C 56 13.96 9.51 35.71
CA VAL C 56 14.31 9.81 37.09
C VAL C 56 13.77 11.20 37.41
N ILE C 57 12.92 11.28 38.43
CA ILE C 57 12.27 12.52 38.82
C ILE C 57 12.56 12.74 40.29
N GLY C 58 13.15 13.89 40.62
CA GLY C 58 13.55 14.16 41.99
C GLY C 58 13.33 15.58 42.45
N LYS C 59 12.62 15.75 43.56
CA LYS C 59 12.28 17.07 44.11
C LYS C 59 11.58 17.94 43.08
N ALA C 60 10.77 17.34 42.22
CA ALA C 60 10.09 18.08 41.17
C ALA C 60 8.63 18.33 41.52
N ARG C 61 8.01 19.24 40.78
CA ARG C 61 6.59 19.50 40.88
C ARG C 61 6.06 19.70 39.46
N LEU C 62 5.15 18.82 39.05
CA LEU C 62 4.59 18.83 37.70
C LEU C 62 3.08 18.86 37.79
N ASN C 63 2.45 19.69 36.97
CA ASN C 63 1.02 19.87 37.06
C ASN C 63 0.42 20.03 35.67
N ASN C 64 -0.72 19.38 35.46
CA ASN C 64 -1.53 19.54 34.26
C ASN C 64 -0.74 19.20 32.99
N ILE C 65 -0.30 17.96 32.91
CA ILE C 65 0.42 17.45 31.75
C ILE C 65 -0.49 16.56 30.94
N THR C 66 -0.39 16.64 29.62
CA THR C 66 -1.24 15.88 28.72
C THR C 66 -0.41 15.41 27.54
N ILE C 67 -0.47 14.12 27.25
CA ILE C 67 0.29 13.52 26.16
C ILE C 67 -0.69 12.67 25.37
N ILE C 68 -1.26 13.23 24.32
CA ILE C 68 -2.15 12.45 23.47
C ILE C 68 -1.33 11.51 22.60
N GLY C 69 -1.98 10.47 22.11
CA GLY C 69 -1.42 9.64 21.08
C GLY C 69 -1.93 10.07 19.73
N PRO C 70 -1.36 9.55 18.66
CA PRO C 70 -1.73 10.03 17.33
C PRO C 70 -3.11 9.53 16.92
N LEU C 71 -3.62 10.19 15.87
CA LEU C 71 -4.84 9.81 15.16
C LEU C 71 -6.09 9.91 16.05
N ASP C 72 -6.36 11.14 16.49
CA ASP C 72 -7.56 11.45 17.24
C ASP C 72 -8.64 12.00 16.31
N MET C 73 -9.87 12.01 16.81
CA MET C 73 -11.01 12.50 16.05
C MET C 73 -11.99 13.13 17.04
N LYS C 74 -12.51 14.31 16.70
CA LYS C 74 -13.34 15.04 17.65
C LYS C 74 -14.34 15.90 16.90
N GLN C 75 -15.57 15.90 17.39
CA GLN C 75 -16.61 16.83 16.94
C GLN C 75 -16.91 16.71 15.46
N ILE C 76 -16.57 15.57 14.85
CA ILE C 76 -16.90 15.35 13.45
C ILE C 76 -18.42 15.27 13.29
N ASP C 77 -18.89 15.53 12.07
CA ASP C 77 -20.32 15.50 11.80
C ASP C 77 -20.57 15.14 10.34
N TYR C 78 -21.58 14.32 10.11
CA TYR C 78 -22.05 14.00 8.78
C TYR C 78 -23.56 14.18 8.75
N THR C 79 -24.05 14.80 7.68
CA THR C 79 -25.48 15.03 7.54
C THR C 79 -25.85 14.84 6.08
N VAL C 80 -26.46 13.71 5.77
CA VAL C 80 -26.82 13.39 4.40
C VAL C 80 -28.33 13.17 4.32
N PRO C 81 -29.15 14.21 4.47
CA PRO C 81 -30.59 14.02 4.36
C PRO C 81 -30.98 13.81 2.91
N THR C 82 -31.81 12.81 2.66
CA THR C 82 -32.32 12.52 1.32
C THR C 82 -33.84 12.55 1.38
N VAL C 83 -34.43 13.66 0.96
CA VAL C 83 -35.87 13.86 1.01
C VAL C 83 -36.41 13.83 -0.41
N ILE C 84 -37.54 13.16 -0.59
CA ILE C 84 -38.15 13.02 -1.91
C ILE C 84 -39.66 13.19 -1.75
N ALA C 85 -40.20 14.28 -2.27
CA ALA C 85 -41.63 14.46 -2.41
C ALA C 85 -42.03 14.18 -3.85
N GLU C 86 -43.32 13.96 -4.05
CA GLU C 86 -43.79 13.58 -5.38
C GLU C 86 -45.30 13.74 -5.43
N GLU C 87 -45.82 13.96 -6.64
CA GLU C 87 -47.25 14.13 -6.82
C GLU C 87 -47.61 13.88 -8.26
N MET C 88 -48.40 12.84 -8.51
CA MET C 88 -49.01 12.59 -9.81
C MET C 88 -47.98 12.48 -10.92
N SER C 89 -46.91 11.74 -10.65
CA SER C 89 -45.82 11.67 -11.61
C SER C 89 -45.29 10.23 -11.64
N TYR C 90 -44.13 10.06 -12.24
CA TYR C 90 -43.52 8.75 -12.44
C TYR C 90 -42.05 8.85 -12.07
N MET C 91 -41.55 7.86 -11.32
CA MET C 91 -40.15 7.84 -10.94
C MET C 91 -39.57 6.46 -11.25
N TYR C 92 -38.25 6.37 -11.23
CA TYR C 92 -37.54 5.15 -11.59
C TYR C 92 -36.07 5.27 -11.17
N ASP C 93 -35.55 4.28 -10.44
CA ASP C 93 -34.16 4.31 -10.02
C ASP C 93 -33.47 3.01 -10.37
N PHE C 94 -32.14 3.05 -10.31
CA PHE C 94 -31.30 1.90 -10.59
C PHE C 94 -29.88 2.16 -10.12
N CYS C 95 -29.34 1.27 -9.29
CA CYS C 95 -27.94 1.32 -8.88
C CYS C 95 -27.60 2.66 -8.22
N THR C 96 -28.38 3.04 -7.22
CA THR C 96 -28.14 4.25 -6.46
C THR C 96 -27.41 3.91 -5.19
N LEU C 97 -26.36 4.68 -4.87
CA LEU C 97 -25.53 4.41 -3.72
C LEU C 97 -25.27 5.70 -2.96
N ILE C 98 -25.19 5.58 -1.64
CA ILE C 98 -24.75 6.65 -0.75
C ILE C 98 -23.80 6.03 0.26
N SER C 99 -22.54 6.42 0.22
CA SER C 99 -21.50 5.78 1.02
C SER C 99 -20.81 6.81 1.90
N ILE C 100 -20.65 6.49 3.17
CA ILE C 100 -19.94 7.36 4.11
C ILE C 100 -18.96 6.50 4.88
N LYS C 101 -17.66 6.79 4.72
CA LYS C 101 -16.60 6.09 5.44
C LYS C 101 -16.63 4.59 5.18
N VAL C 102 -16.42 4.22 3.94
CA VAL C 102 -16.39 2.82 3.53
C VAL C 102 -14.92 2.44 3.37
N HIS C 103 -14.37 1.72 4.34
CA HIS C 103 -12.98 1.30 4.29
C HIS C 103 -12.84 -0.07 3.65
N ASN C 104 -11.63 -0.40 3.22
CA ASN C 104 -11.34 -1.74 2.78
C ASN C 104 -10.24 -2.41 3.58
N ILE C 105 -9.08 -1.77 3.71
CA ILE C 105 -7.95 -2.35 4.41
C ILE C 105 -7.38 -1.29 5.34
N VAL C 106 -7.03 -1.71 6.56
CA VAL C 106 -6.34 -0.85 7.50
C VAL C 106 -5.27 -1.71 8.17
N LEU C 107 -4.01 -1.44 7.88
CA LEU C 107 -2.89 -2.15 8.48
C LEU C 107 -2.09 -1.16 9.29
N MET C 108 -1.94 -1.42 10.58
CA MET C 108 -1.25 -0.52 11.48
C MET C 108 -0.28 -1.31 12.35
N MET C 109 0.95 -0.83 12.47
CA MET C 109 1.91 -1.44 13.38
C MET C 109 2.79 -0.36 13.97
N GLN C 110 3.18 -0.56 15.22
CA GLN C 110 4.00 0.38 15.98
C GLN C 110 3.39 1.77 15.99
N VAL C 111 2.06 1.83 16.10
CA VAL C 111 1.35 3.09 16.26
C VAL C 111 1.34 3.39 17.74
N THR C 112 2.41 4.02 18.22
CA THR C 112 2.60 4.19 19.66
C THR C 112 2.82 5.65 20.05
N VAL C 113 3.21 5.86 21.29
CA VAL C 113 3.73 7.15 21.75
C VAL C 113 5.25 7.11 21.90
N THR C 114 5.77 6.05 22.50
CA THR C 114 7.20 5.82 22.59
C THR C 114 7.50 4.45 22.02
N THR C 115 8.61 4.29 21.28
CA THR C 115 8.93 2.99 20.70
C THR C 115 10.42 2.70 20.41
N THR C 116 11.04 1.89 21.27
CA THR C 116 12.41 1.46 21.02
C THR C 116 12.34 0.14 20.26
N TYR C 117 12.95 0.10 19.10
CA TYR C 117 12.82 -1.05 18.21
C TYR C 117 14.17 -1.48 17.68
N PHE C 118 14.38 -2.79 17.66
CA PHE C 118 15.60 -3.37 17.10
C PHE C 118 15.20 -4.58 16.27
N GLY C 119 15.46 -4.53 14.98
CA GLY C 119 15.22 -5.70 14.15
C GLY C 119 14.69 -5.40 12.77
N HIS C 120 13.57 -6.03 12.43
CA HIS C 120 13.01 -5.98 11.10
C HIS C 120 11.56 -5.53 11.19
N SER C 121 11.02 -5.07 10.07
CA SER C 121 9.62 -4.65 10.02
C SER C 121 9.15 -4.62 8.58
N GLU C 122 8.02 -5.26 8.30
CA GLU C 122 7.50 -5.36 6.95
C GLU C 122 6.02 -5.04 6.94
N GLN C 123 5.54 -4.62 5.77
CA GLN C 123 4.12 -4.40 5.54
C GLN C 123 3.88 -4.55 4.05
N ILE C 124 3.23 -5.64 3.68
CA ILE C 124 3.00 -5.97 2.28
C ILE C 124 1.51 -6.02 2.03
N SER C 125 1.08 -5.54 0.87
CA SER C 125 -0.33 -5.50 0.54
C SER C 125 -0.48 -5.69 -0.96
N GLN C 126 -1.16 -6.76 -1.35
CA GLN C 126 -1.39 -7.05 -2.75
C GLN C 126 -2.87 -7.32 -2.94
N GLU C 127 -3.48 -6.69 -3.94
CA GLU C 127 -4.92 -6.84 -4.09
C GLU C 127 -5.35 -6.45 -5.49
N ARG C 128 -6.60 -6.81 -5.80
CA ARG C 128 -7.30 -6.36 -6.98
C ARG C 128 -8.64 -5.80 -6.52
N TYR C 129 -8.87 -4.53 -6.78
CA TYR C 129 -9.97 -3.78 -6.19
C TYR C 129 -10.96 -3.35 -7.26
N GLN C 130 -12.23 -3.30 -6.89
CA GLN C 130 -13.29 -2.83 -7.78
C GLN C 130 -14.48 -2.45 -6.93
N TYR C 131 -14.86 -1.17 -6.96
CA TYR C 131 -15.87 -0.69 -6.03
C TYR C 131 -17.29 -0.97 -6.50
N VAL C 132 -17.70 -0.39 -7.62
CA VAL C 132 -19.06 -0.50 -8.11
C VAL C 132 -19.05 -1.07 -9.51
N ASP C 133 -19.99 -1.97 -9.77
CA ASP C 133 -20.19 -2.53 -11.11
C ASP C 133 -21.68 -2.65 -11.34
N CYS C 134 -22.21 -1.91 -12.31
CA CYS C 134 -23.62 -1.97 -12.61
C CYS C 134 -23.84 -2.10 -14.11
N GLY C 135 -25.09 -1.99 -14.55
CA GLY C 135 -25.38 -2.12 -15.95
C GLY C 135 -26.86 -2.16 -16.28
#